data_4WWL
#
_entry.id   4WWL
#
_cell.length_a   68.890
_cell.length_b   68.890
_cell.length_c   307.410
_cell.angle_alpha   90.00
_cell.angle_beta   90.00
_cell.angle_gamma   90.00
#
_symmetry.space_group_name_H-M   'P 41 2 2'
#
loop_
_entity.id
_entity.type
_entity.pdbx_description
1 polymer 'Protein UshA'
2 non-polymer 'S-[(1-oxyl-2,2,5,5-tetramethyl-2,5-dihydro-1H-pyrrol-3-yl)methyl] methanesulfonothioate'
3 non-polymer 'ZINC ION'
4 non-polymer 'SULFATE ION'
5 non-polymer 'CARBONATE ION'
6 non-polymer GLYCEROL
7 water water
#
_entity_poly.entity_id   1
_entity_poly.type   'polypeptide(L)'
_entity_poly.pdbx_seq_one_letter_code
;YEQDKTYKITVLHTNDHHGHFWRNEYGEYGLAAQKTLVDGIRKEVAAEGGSVLLLSGGDINTGVPESDLQDAEPDFRGMN
LVGYDAMAIGNHEFDNPLTVLRQQEKWAKFPLLSANIYQKSTGERLFKPWALFKRQDLKIAVIGLTTDDTAKIGNPEYFT
DIEFRKPADEAKLVIQELQQTEKPDIIIAATHMGHYDNGEHGSNAPGDVEMARALPAGSLAMIVGGHSQDPVCMAAENKK
QVDYVPGTPCKPDQQNGIWIVQAHEWGKYVGRADFEFRNGEMKMVNYQLIPVNLKKKVTWEDGKSERVLYTPEIAENQQM
ISLLSPFQNKGKAQLEVKIGETNGRLEGDRDKVRFVQTNMGRLILAAQMDRTGADFAVMSGGGIRDSIEAGDISYKNVLK
VQPFGNVVVYADMTGKEVIDYLTAVAQMKPDSGAYPQFANVSFVAKDGKLNDLKIKGEPVDPAKTYRMATLNFNATGGDG
YPRLDNKPGYVNTGFCDAEVLKAYIQKSSPLDVSVYEPKGEVSWQLEHHHHHH
;
_entity_poly.pdbx_strand_id   A
#
loop_
_chem_comp.id
_chem_comp.type
_chem_comp.name
_chem_comp.formula
CO3 non-polymer 'CARBONATE ION' 'C O3 -2'
GOL non-polymer GLYCEROL 'C3 H8 O3'
MTN non-polymer 'S-[(1-oxyl-2,2,5,5-tetramethyl-2,5-dihydro-1H-pyrrol-3-yl)methyl] methanesulfonothioate' 'C10 H18 N O3 S2'
SO4 non-polymer 'SULFATE ION' 'O4 S -2'
ZN non-polymer 'ZINC ION' 'Zn 2'
#
# COMPACT_ATOMS: atom_id res chain seq x y z
N TYR A 1 37.63 -0.95 -8.14
CA TYR A 1 37.33 -0.15 -9.32
C TYR A 1 38.60 0.51 -9.81
N GLU A 2 38.53 1.20 -10.96
CA GLU A 2 39.66 1.90 -11.55
C GLU A 2 39.76 3.31 -10.98
N GLN A 3 40.94 3.65 -10.49
CA GLN A 3 41.25 4.95 -9.92
C GLN A 3 40.97 6.08 -10.90
N ASP A 4 40.20 7.11 -10.44
CA ASP A 4 39.85 8.33 -11.18
C ASP A 4 38.87 8.15 -12.35
N LYS A 5 38.46 6.91 -12.62
CA LYS A 5 37.52 6.62 -13.70
C LYS A 5 36.10 6.97 -13.24
N THR A 6 35.33 7.69 -14.09
CA THR A 6 33.94 8.06 -13.86
C THR A 6 33.03 6.95 -14.46
N TYR A 7 32.17 6.34 -13.63
CA TYR A 7 31.25 5.27 -14.03
C TYR A 7 29.82 5.81 -14.09
N LYS A 8 29.01 5.30 -15.03
CA LYS A 8 27.61 5.66 -15.15
C LYS A 8 26.74 4.52 -14.62
N ILE A 9 25.88 4.82 -13.64
CA ILE A 9 24.97 3.85 -13.03
C ILE A 9 23.59 4.47 -12.99
N THR A 10 22.63 3.77 -13.58
CA THR A 10 21.22 4.15 -13.59
C THR A 10 20.49 3.20 -12.66
N VAL A 11 19.78 3.74 -11.67
CA VAL A 11 18.98 2.93 -10.78
C VAL A 11 17.53 3.12 -11.21
N LEU A 12 16.88 2.04 -11.65
CA LEU A 12 15.46 2.10 -12.02
C LEU A 12 14.70 1.55 -10.85
N HIS A 13 13.51 2.07 -10.56
CA HIS A 13 12.77 1.60 -9.39
C HIS A 13 11.28 1.78 -9.48
N THR A 14 10.55 0.88 -8.81
CA THR A 14 9.08 0.91 -8.68
C THR A 14 8.74 0.43 -7.26
N ASN A 15 7.48 0.62 -6.86
CA ASN A 15 6.98 0.18 -5.56
C ASN A 15 5.50 0.11 -5.58
N ASP A 16 4.94 -0.61 -4.60
CA ASP A 16 3.50 -0.75 -4.37
C ASP A 16 2.74 -1.10 -5.64
N HIS A 17 3.32 -2.03 -6.38
CA HIS A 17 2.78 -2.62 -7.60
C HIS A 17 1.35 -3.09 -7.33
N HIS A 18 1.13 -3.77 -6.18
CA HIS A 18 -0.21 -4.17 -5.73
C HIS A 18 -1.10 -4.88 -6.78
N GLY A 19 -0.56 -5.93 -7.38
CA GLY A 19 -1.26 -6.78 -8.34
C GLY A 19 -1.52 -6.26 -9.74
N HIS A 20 -0.93 -5.12 -10.11
CA HIS A 20 -1.19 -4.49 -11.43
C HIS A 20 -0.32 -5.03 -12.57
N PHE A 21 -0.31 -6.37 -12.76
CA PHE A 21 0.48 -7.00 -13.84
C PHE A 21 -0.07 -6.63 -15.24
N TRP A 22 -1.38 -6.42 -15.33
CA TRP A 22 -2.07 -6.10 -16.58
C TRP A 22 -2.38 -4.61 -16.64
N ARG A 23 -2.53 -4.08 -17.86
CA ARG A 23 -2.90 -2.70 -18.11
C ARG A 23 -4.29 -2.48 -17.49
N ASN A 24 -4.65 -1.24 -17.09
CA ASN A 24 -5.98 -1.04 -16.53
C ASN A 24 -7.07 -0.98 -17.67
N GLU A 25 -8.33 -0.71 -17.31
CA GLU A 25 -9.42 -0.62 -18.29
C GLU A 25 -9.26 0.55 -19.28
N TYR A 26 -8.36 1.52 -18.99
CA TYR A 26 -8.11 2.65 -19.89
C TYR A 26 -6.83 2.45 -20.72
N GLY A 27 -6.18 1.29 -20.57
CA GLY A 27 -4.95 0.95 -21.27
C GLY A 27 -3.70 1.51 -20.63
N GLU A 28 -3.80 1.95 -19.36
CA GLU A 28 -2.67 2.53 -18.63
C GLU A 28 -1.82 1.46 -17.97
N TYR A 29 -0.52 1.76 -17.74
CA TYR A 29 0.45 0.89 -17.07
C TYR A 29 0.45 -0.63 -17.50
N GLY A 30 0.65 -1.55 -16.54
CA GLY A 30 0.78 -2.98 -16.83
C GLY A 30 2.24 -3.32 -17.03
N LEU A 31 2.65 -4.58 -16.79
CA LEU A 31 4.04 -4.99 -16.93
C LEU A 31 4.53 -5.14 -18.36
N ALA A 32 3.61 -5.29 -19.33
CA ALA A 32 3.99 -5.39 -20.75
C ALA A 32 4.59 -4.10 -21.24
N ALA A 33 3.94 -2.95 -20.91
CA ALA A 33 4.46 -1.64 -21.29
C ALA A 33 5.70 -1.32 -20.46
N GLN A 34 5.72 -1.72 -19.16
CA GLN A 34 6.90 -1.51 -18.30
C GLN A 34 8.14 -2.20 -18.89
N LYS A 35 7.96 -3.41 -19.43
CA LYS A 35 9.00 -4.21 -20.05
C LYS A 35 9.60 -3.49 -21.26
N THR A 36 8.76 -2.87 -22.14
CA THR A 36 9.26 -2.14 -23.31
C THR A 36 10.06 -0.93 -22.87
N LEU A 37 9.54 -0.21 -21.86
CA LEU A 37 10.20 0.98 -21.34
C LEU A 37 11.55 0.61 -20.75
N VAL A 38 11.60 -0.43 -19.90
CA VAL A 38 12.84 -0.86 -19.24
C VAL A 38 13.86 -1.40 -20.25
N ASP A 39 13.40 -2.23 -21.21
CA ASP A 39 14.27 -2.76 -22.28
C ASP A 39 14.99 -1.63 -23.04
N GLY A 40 14.25 -0.58 -23.37
CA GLY A 40 14.75 0.60 -24.09
C GLY A 40 15.76 1.37 -23.28
N ILE A 41 15.57 1.46 -21.93
CA ILE A 41 16.53 2.16 -21.06
C ILE A 41 17.84 1.34 -20.97
N ARG A 42 17.73 0.01 -20.79
CA ARG A 42 18.87 -0.91 -20.75
C ARG A 42 19.72 -0.74 -22.03
N LYS A 43 19.07 -0.67 -23.20
CA LYS A 43 19.76 -0.51 -24.50
C LYS A 43 20.50 0.85 -24.62
N GLU A 44 19.82 1.95 -24.23
CA GLU A 44 20.37 3.31 -24.26
C GLU A 44 21.58 3.40 -23.30
N VAL A 45 21.42 2.91 -22.06
CA VAL A 45 22.48 2.94 -21.05
C VAL A 45 23.69 2.07 -21.47
N ALA A 46 23.43 0.83 -21.97
CA ALA A 46 24.48 -0.07 -22.44
C ALA A 46 25.28 0.57 -23.58
N ALA A 47 24.61 1.29 -24.51
CA ALA A 47 25.30 1.98 -25.62
C ALA A 47 26.21 3.11 -25.09
N GLU A 48 25.84 3.75 -23.95
CA GLU A 48 26.65 4.81 -23.32
C GLU A 48 27.81 4.20 -22.48
N GLY A 49 27.79 2.89 -22.26
CA GLY A 49 28.81 2.22 -21.45
C GLY A 49 28.46 2.18 -19.97
N GLY A 50 27.24 2.57 -19.64
CA GLY A 50 26.76 2.56 -18.25
C GLY A 50 26.21 1.23 -17.79
N SER A 51 25.68 1.22 -16.56
CA SER A 51 25.04 0.06 -15.94
C SER A 51 23.62 0.39 -15.47
N VAL A 52 22.79 -0.66 -15.35
CA VAL A 52 21.42 -0.57 -14.87
C VAL A 52 21.26 -1.52 -13.69
N LEU A 53 20.53 -1.04 -12.67
CA LEU A 53 20.08 -1.79 -11.51
C LEU A 53 18.57 -1.49 -11.39
N LEU A 54 17.72 -2.53 -11.39
CA LEU A 54 16.27 -2.35 -11.29
C LEU A 54 15.77 -2.89 -9.94
N LEU A 55 15.25 -2.01 -9.10
CA LEU A 55 14.84 -2.37 -7.75
C LEU A 55 13.36 -2.12 -7.46
N SER A 56 12.78 -2.95 -6.56
CA SER A 56 11.39 -2.80 -6.14
C SER A 56 11.30 -2.54 -4.64
N GLY A 57 10.38 -1.66 -4.25
CA GLY A 57 10.10 -1.34 -2.87
C GLY A 57 9.10 -2.29 -2.23
N GLY A 58 8.71 -3.35 -2.96
CA GLY A 58 7.79 -4.37 -2.45
C GLY A 58 6.32 -4.03 -2.56
N ASP A 59 5.49 -4.77 -1.81
CA ASP A 59 4.02 -4.68 -1.86
C ASP A 59 3.53 -4.98 -3.28
N ILE A 60 3.96 -6.13 -3.78
CA ILE A 60 3.53 -6.68 -5.07
C ILE A 60 2.14 -7.27 -4.87
N ASN A 61 1.90 -7.81 -3.68
CA ASN A 61 0.65 -8.46 -3.33
C ASN A 61 -0.44 -7.48 -3.05
N THR A 62 -1.68 -7.90 -3.34
CA THR A 62 -2.94 -7.26 -2.99
C THR A 62 -3.28 -6.01 -3.74
N GLY A 63 -4.45 -5.99 -4.37
CA GLY A 63 -4.92 -4.79 -5.05
C GLY A 63 -5.70 -5.00 -6.33
N VAL A 64 -5.56 -6.17 -6.98
CA VAL A 64 -6.30 -6.48 -8.23
C VAL A 64 -6.87 -7.88 -8.08
N PRO A 65 -8.19 -8.08 -8.27
CA PRO A 65 -8.76 -9.43 -8.06
C PRO A 65 -8.07 -10.57 -8.82
N GLU A 66 -7.70 -10.37 -10.11
CA GLU A 66 -7.05 -11.40 -10.93
C GLU A 66 -5.73 -11.83 -10.33
N SER A 67 -4.98 -10.85 -9.79
CA SER A 67 -3.70 -11.11 -9.14
C SER A 67 -3.91 -11.78 -7.78
N ASP A 68 -4.80 -11.23 -6.92
CA ASP A 68 -5.06 -11.73 -5.55
C ASP A 68 -5.37 -13.22 -5.49
N LEU A 69 -6.27 -13.70 -6.37
CA LEU A 69 -6.70 -15.11 -6.38
C LEU A 69 -5.64 -16.04 -6.96
N GLN A 70 -4.53 -15.49 -7.47
CA GLN A 70 -3.43 -16.24 -8.03
C GLN A 70 -2.17 -16.05 -7.20
N ASP A 71 -2.31 -15.38 -6.02
CA ASP A 71 -1.20 -15.12 -5.10
C ASP A 71 -0.05 -14.39 -5.77
N ALA A 72 -0.38 -13.43 -6.67
CA ALA A 72 0.59 -12.59 -7.39
C ALA A 72 1.58 -13.36 -8.31
N GLU A 73 1.24 -14.59 -8.71
CA GLU A 73 2.12 -15.37 -9.58
C GLU A 73 2.42 -14.60 -10.89
N PRO A 74 1.40 -14.10 -11.63
CA PRO A 74 1.70 -13.33 -12.86
C PRO A 74 2.60 -12.11 -12.61
N ASP A 75 2.43 -11.46 -11.44
CA ASP A 75 3.22 -10.29 -11.06
C ASP A 75 4.69 -10.66 -10.87
N PHE A 76 4.97 -11.72 -10.09
CA PHE A 76 6.34 -12.21 -9.85
C PHE A 76 7.00 -12.72 -11.10
N ARG A 77 6.28 -13.52 -11.92
CA ARG A 77 6.82 -14.01 -13.21
C ARG A 77 7.05 -12.87 -14.20
N GLY A 78 6.15 -11.88 -14.21
CA GLY A 78 6.27 -10.68 -15.06
C GLY A 78 7.49 -9.86 -14.68
N MET A 79 7.75 -9.74 -13.38
CA MET A 79 8.91 -9.03 -12.82
C MET A 79 10.24 -9.68 -13.21
N ASN A 80 10.24 -11.02 -13.40
CA ASN A 80 11.41 -11.75 -13.88
C ASN A 80 11.70 -11.31 -15.31
N LEU A 81 10.66 -11.14 -16.13
CA LEU A 81 10.80 -10.73 -17.52
C LEU A 81 11.23 -9.28 -17.66
N VAL A 82 10.68 -8.36 -16.81
CA VAL A 82 11.12 -6.97 -16.79
C VAL A 82 12.63 -6.97 -16.39
N GLY A 83 13.03 -7.92 -15.55
CA GLY A 83 14.41 -8.10 -15.13
C GLY A 83 14.79 -7.42 -13.83
N TYR A 84 13.88 -7.46 -12.82
CA TYR A 84 14.13 -6.92 -11.48
C TYR A 84 15.35 -7.57 -10.83
N ASP A 85 16.17 -6.75 -10.16
CA ASP A 85 17.39 -7.30 -9.53
C ASP A 85 17.19 -7.67 -8.07
N ALA A 86 16.35 -6.94 -7.36
CA ALA A 86 16.10 -7.22 -5.95
C ALA A 86 14.83 -6.51 -5.55
N MET A 87 14.23 -6.96 -4.46
CA MET A 87 13.00 -6.38 -3.95
C MET A 87 13.06 -6.39 -2.43
N ALA A 88 12.53 -5.34 -1.79
CA ALA A 88 12.38 -5.32 -0.33
C ALA A 88 11.03 -5.98 -0.04
N ILE A 89 10.93 -6.77 1.03
CA ILE A 89 9.65 -7.37 1.40
C ILE A 89 8.78 -6.28 2.04
N GLY A 90 7.56 -6.14 1.53
CA GLY A 90 6.61 -5.16 2.04
C GLY A 90 5.65 -5.76 3.05
N ASN A 91 4.88 -4.94 3.75
CA ASN A 91 3.92 -5.49 4.71
C ASN A 91 2.82 -6.35 4.02
N HIS A 92 2.45 -6.00 2.76
CA HIS A 92 1.45 -6.79 2.02
C HIS A 92 1.92 -8.16 1.56
N GLU A 93 3.25 -8.43 1.69
CA GLU A 93 3.80 -9.75 1.43
C GLU A 93 3.40 -10.72 2.58
N PHE A 94 2.87 -10.16 3.70
CA PHE A 94 2.38 -10.92 4.85
C PHE A 94 0.85 -10.98 4.91
N ASP A 95 0.15 -10.64 3.79
CA ASP A 95 -1.31 -10.77 3.70
C ASP A 95 -1.63 -12.24 3.53
N ASN A 96 -0.65 -13.01 3.08
CA ASN A 96 -0.80 -14.43 2.84
C ASN A 96 0.06 -15.19 3.86
N PRO A 97 -0.20 -16.49 4.13
CA PRO A 97 0.69 -17.26 5.02
C PRO A 97 2.13 -17.20 4.53
N LEU A 98 3.10 -17.39 5.45
CA LEU A 98 4.53 -17.35 5.14
C LEU A 98 4.91 -18.34 4.03
N THR A 99 4.22 -19.50 3.95
CA THR A 99 4.46 -20.51 2.92
C THR A 99 4.19 -19.95 1.49
N VAL A 100 3.18 -19.07 1.36
CA VAL A 100 2.85 -18.41 0.10
C VAL A 100 4.00 -17.45 -0.30
N LEU A 101 4.53 -16.67 0.66
CA LEU A 101 5.66 -15.78 0.40
C LEU A 101 6.90 -16.61 -0.03
N ARG A 102 7.10 -17.81 0.56
CA ARG A 102 8.18 -18.75 0.16
C ARG A 102 8.05 -19.18 -1.29
N GLN A 103 6.80 -19.39 -1.74
CA GLN A 103 6.53 -19.76 -3.12
C GLN A 103 6.76 -18.57 -4.05
N GLN A 104 6.53 -17.34 -3.57
CA GLN A 104 6.79 -16.12 -4.33
C GLN A 104 8.30 -15.96 -4.51
N GLU A 105 9.10 -16.37 -3.50
CA GLU A 105 10.57 -16.36 -3.60
C GLU A 105 11.04 -17.41 -4.62
N LYS A 106 10.29 -18.51 -4.77
CA LYS A 106 10.60 -19.55 -5.76
C LYS A 106 10.25 -19.02 -7.16
N TRP A 107 9.07 -18.36 -7.34
CA TRP A 107 8.67 -17.76 -8.62
C TRP A 107 9.63 -16.61 -9.02
N ALA A 108 10.00 -15.74 -8.06
CA ALA A 108 10.92 -14.63 -8.33
C ALA A 108 12.33 -15.15 -8.57
N LYS A 109 12.95 -14.72 -9.67
CA LYS A 109 14.32 -15.10 -9.99
C LYS A 109 15.31 -14.10 -9.37
N PHE A 110 14.79 -13.14 -8.59
CA PHE A 110 15.55 -12.12 -7.89
C PHE A 110 15.27 -12.29 -6.39
N PRO A 111 16.20 -11.90 -5.49
CA PRO A 111 15.94 -12.06 -4.05
C PRO A 111 14.89 -11.09 -3.50
N LEU A 112 14.10 -11.61 -2.55
CA LEU A 112 13.12 -10.84 -1.80
C LEU A 112 13.82 -10.64 -0.45
N LEU A 113 14.22 -9.40 -0.19
CA LEU A 113 15.03 -9.07 0.95
C LEU A 113 14.35 -8.39 2.12
N SER A 114 14.81 -8.75 3.33
CA SER A 114 14.47 -8.05 4.56
C SER A 114 15.45 -8.43 5.66
N ALA A 115 16.18 -7.43 6.15
CA ALA A 115 17.17 -7.65 7.22
C ALA A 115 16.55 -7.67 8.64
N ASN A 116 15.38 -7.03 8.81
CA ASN A 116 14.83 -6.82 10.15
C ASN A 116 13.74 -7.76 10.66
N ILE A 117 13.43 -8.82 9.91
CA ILE A 117 12.42 -9.80 10.27
C ILE A 117 13.09 -11.05 10.89
N TYR A 118 12.74 -11.36 12.14
CA TYR A 118 13.36 -12.43 12.90
C TYR A 118 12.39 -13.43 13.47
N GLN A 119 12.87 -14.69 13.59
CA GLN A 119 12.16 -15.77 14.29
C GLN A 119 12.48 -15.49 15.77
N LYS A 120 11.46 -15.24 16.61
CA LYS A 120 11.66 -14.90 18.03
C LYS A 120 12.38 -15.97 18.82
N SER A 121 11.91 -17.23 18.73
CA SER A 121 12.46 -18.37 19.47
C SER A 121 13.92 -18.69 19.14
N THR A 122 14.39 -18.42 17.90
CA THR A 122 15.77 -18.75 17.52
C THR A 122 16.70 -17.55 17.33
N GLY A 123 16.12 -16.37 17.15
CA GLY A 123 16.87 -15.15 16.90
C GLY A 123 17.46 -15.12 15.51
N GLU A 124 16.88 -15.89 14.58
CA GLU A 124 17.38 -15.97 13.21
C GLU A 124 16.53 -15.19 12.26
N ARG A 125 17.17 -14.56 11.25
CA ARG A 125 16.47 -13.85 10.17
C ARG A 125 15.67 -14.87 9.35
N LEU A 126 14.47 -14.47 8.90
CA LEU A 126 13.61 -15.30 8.05
C LEU A 126 14.02 -15.15 6.59
N PHE A 127 14.69 -14.02 6.24
CA PHE A 127 15.06 -13.69 4.86
C PHE A 127 16.49 -13.24 4.71
N LYS A 128 16.93 -13.06 3.47
CA LYS A 128 18.28 -12.58 3.22
C LYS A 128 18.30 -11.07 3.54
N PRO A 129 19.31 -10.61 4.29
CA PRO A 129 19.38 -9.16 4.62
C PRO A 129 19.74 -8.26 3.44
N TRP A 130 20.58 -8.77 2.56
CA TRP A 130 21.12 -8.04 1.42
C TRP A 130 21.50 -8.98 0.27
N ALA A 131 21.68 -8.39 -0.92
CA ALA A 131 22.18 -9.08 -2.12
C ALA A 131 23.29 -8.23 -2.72
N LEU A 132 24.26 -8.88 -3.38
CA LEU A 132 25.41 -8.22 -4.02
C LEU A 132 25.31 -8.28 -5.51
N PHE A 133 25.77 -7.23 -6.20
CA PHE A 133 25.74 -7.12 -7.65
C PHE A 133 27.01 -6.55 -8.15
N LYS A 134 27.46 -7.07 -9.29
CA LYS A 134 28.65 -6.59 -9.98
C LYS A 134 28.14 -5.84 -11.22
N ARG A 135 28.48 -4.56 -11.33
CA ARG A 135 28.11 -3.67 -12.44
C ARG A 135 29.39 -2.99 -12.85
N GLN A 136 29.86 -3.33 -14.08
CA GLN A 136 31.18 -2.95 -14.60
C GLN A 136 32.14 -3.59 -13.54
N ASP A 137 33.08 -2.86 -12.96
CA ASP A 137 33.89 -3.51 -11.92
C ASP A 137 33.51 -3.06 -10.49
N LEU A 138 32.32 -2.46 -10.36
CA LEU A 138 31.77 -1.97 -9.09
C LEU A 138 31.01 -3.04 -8.32
N LYS A 139 31.17 -3.05 -6.99
CA LYS A 139 30.43 -3.95 -6.12
C LYS A 139 29.29 -3.16 -5.44
N ILE A 140 28.05 -3.54 -5.75
CA ILE A 140 26.85 -2.85 -5.23
C ILE A 140 26.11 -3.79 -4.29
N ALA A 141 25.81 -3.29 -3.08
CA ALA A 141 25.06 -4.05 -2.10
C ALA A 141 23.69 -3.41 -2.02
N VAL A 142 22.66 -4.24 -1.99
CA VAL A 142 21.29 -3.79 -1.83
C VAL A 142 20.77 -4.38 -0.52
N ILE A 143 20.36 -3.53 0.42
CA ILE A 143 19.78 -3.99 1.70
C ILE A 143 18.25 -3.89 1.58
N GLY A 144 17.52 -4.87 2.13
CA GLY A 144 16.06 -4.82 2.20
C GLY A 144 15.61 -4.52 3.62
N LEU A 145 14.58 -3.66 3.78
CA LEU A 145 14.04 -3.29 5.09
C LEU A 145 12.52 -3.22 5.02
N THR A 146 11.84 -3.73 6.04
CA THR A 146 10.38 -3.75 6.11
C THR A 146 9.92 -2.97 7.32
N THR A 147 8.84 -2.21 7.15
CA THR A 147 8.25 -1.44 8.26
C THR A 147 7.95 -2.35 9.43
N ASP A 148 8.34 -1.93 10.65
CA ASP A 148 8.06 -2.66 11.87
C ASP A 148 6.60 -2.48 12.37
N ASP A 149 5.74 -1.87 11.55
CA ASP A 149 4.30 -1.75 11.80
C ASP A 149 3.60 -3.02 11.30
N THR A 150 4.26 -3.84 10.45
CA THR A 150 3.71 -5.05 9.82
C THR A 150 2.86 -5.94 10.71
N ALA A 151 3.43 -6.45 11.83
CA ALA A 151 2.69 -7.33 12.75
C ALA A 151 1.49 -6.60 13.35
N LYS A 152 1.67 -5.33 13.77
CA LYS A 152 0.64 -4.42 14.29
C LYS A 152 -0.49 -4.21 13.23
N ILE A 153 -0.14 -4.19 11.94
CA ILE A 153 -1.10 -3.97 10.85
C ILE A 153 -1.87 -5.23 10.37
N GLY A 154 -1.16 -6.34 10.22
CA GLY A 154 -1.70 -7.57 9.65
C GLY A 154 -2.45 -8.53 10.54
N ASN A 155 -2.42 -9.81 10.13
CA ASN A 155 -3.06 -10.93 10.82
C ASN A 155 -2.13 -11.41 11.95
N PRO A 156 -2.52 -11.28 13.25
CA PRO A 156 -1.63 -11.71 14.35
C PRO A 156 -1.21 -13.17 14.34
N GLU A 157 -2.04 -14.05 13.80
CA GLU A 157 -1.78 -15.49 13.67
C GLU A 157 -0.45 -15.75 12.94
N TYR A 158 -0.09 -14.88 11.98
CA TYR A 158 1.12 -15.03 11.20
C TYR A 158 2.37 -14.62 11.94
N PHE A 159 2.26 -13.90 13.08
CA PHE A 159 3.43 -13.34 13.78
C PHE A 159 3.76 -13.82 15.17
N THR A 160 3.15 -14.91 15.60
CA THR A 160 3.36 -15.50 16.93
C THR A 160 4.83 -15.64 17.32
N ASP A 161 5.65 -16.13 16.40
CA ASP A 161 7.06 -16.33 16.70
C ASP A 161 7.94 -15.51 15.75
N ILE A 162 7.37 -14.41 15.24
CA ILE A 162 8.03 -13.48 14.33
C ILE A 162 8.03 -12.07 14.90
N GLU A 163 9.18 -11.39 14.84
CA GLU A 163 9.30 -9.99 15.24
C GLU A 163 9.97 -9.14 14.16
N PHE A 164 9.46 -7.92 14.01
CA PHE A 164 9.91 -6.90 13.08
C PHE A 164 10.68 -5.93 13.93
N ARG A 165 12.00 -5.97 13.82
CA ARG A 165 12.86 -5.08 14.58
C ARG A 165 12.92 -3.74 13.89
N LYS A 166 13.30 -2.69 14.65
CA LYS A 166 13.37 -1.32 14.13
C LYS A 166 14.25 -1.28 12.89
N PRO A 167 13.69 -0.91 11.72
CA PRO A 167 14.50 -0.95 10.49
C PRO A 167 15.73 -0.03 10.52
N ALA A 168 15.62 1.17 11.09
CA ALA A 168 16.77 2.10 11.18
C ALA A 168 17.94 1.52 12.00
N ASP A 169 17.66 0.83 13.13
CA ASP A 169 18.71 0.20 13.95
C ASP A 169 19.30 -0.97 13.17
N GLU A 170 18.44 -1.72 12.46
CA GLU A 170 18.89 -2.86 11.65
C GLU A 170 19.79 -2.36 10.50
N ALA A 171 19.40 -1.28 9.82
CA ALA A 171 20.18 -0.69 8.71
C ALA A 171 21.60 -0.30 9.19
N LYS A 172 21.73 0.28 10.40
CA LYS A 172 23.03 0.66 10.97
C LYS A 172 23.95 -0.56 11.10
N LEU A 173 23.40 -1.67 11.60
CA LEU A 173 24.13 -2.92 11.80
C LEU A 173 24.52 -3.56 10.47
N VAL A 174 23.58 -3.54 9.49
CA VAL A 174 23.84 -4.14 8.19
C VAL A 174 24.90 -3.35 7.40
N ILE A 175 24.82 -2.01 7.44
CA ILE A 175 25.80 -1.12 6.78
C ILE A 175 27.19 -1.39 7.35
N GLN A 176 27.31 -1.41 8.69
CA GLN A 176 28.56 -1.67 9.39
C GLN A 176 29.10 -3.06 9.00
N GLU A 177 28.22 -4.08 8.98
CA GLU A 177 28.61 -5.43 8.56
C GLU A 177 29.20 -5.42 7.15
N LEU A 178 28.47 -4.84 6.19
CA LEU A 178 28.93 -4.78 4.82
C LEU A 178 30.25 -4.05 4.66
N GLN A 179 30.40 -2.87 5.33
CA GLN A 179 31.62 -2.07 5.28
C GLN A 179 32.82 -2.84 5.78
N GLN A 180 32.61 -3.72 6.77
CA GLN A 180 33.65 -4.52 7.42
C GLN A 180 33.99 -5.85 6.76
N THR A 181 33.13 -6.35 5.89
CA THR A 181 33.31 -7.65 5.26
C THR A 181 33.37 -7.62 3.72
N GLU A 182 32.21 -7.43 3.05
CA GLU A 182 32.13 -7.41 1.57
C GLU A 182 32.73 -6.16 0.97
N LYS A 183 32.78 -5.04 1.75
CA LYS A 183 33.34 -3.76 1.31
C LYS A 183 32.73 -3.27 -0.04
N PRO A 184 31.40 -3.18 -0.16
CA PRO A 184 30.83 -2.72 -1.44
C PRO A 184 31.22 -1.26 -1.73
N ASP A 185 31.27 -0.88 -3.00
CA ASP A 185 31.56 0.49 -3.44
C ASP A 185 30.35 1.38 -3.22
N ILE A 186 29.14 0.78 -3.40
CA ILE A 186 27.83 1.42 -3.32
C ILE A 186 26.90 0.56 -2.48
N ILE A 187 26.17 1.21 -1.56
CA ILE A 187 25.14 0.57 -0.76
C ILE A 187 23.82 1.29 -1.04
N ILE A 188 22.79 0.52 -1.36
CA ILE A 188 21.44 1.05 -1.58
C ILE A 188 20.48 0.33 -0.63
N ALA A 189 19.54 1.05 -0.04
CA ALA A 189 18.55 0.36 0.76
C ALA A 189 17.21 0.39 0.00
N ALA A 190 16.61 -0.79 -0.20
CA ALA A 190 15.29 -0.93 -0.82
C ALA A 190 14.41 -1.11 0.40
N THR A 191 13.44 -0.22 0.57
CA THR A 191 12.65 -0.24 1.77
C THR A 191 11.18 -0.14 1.50
N HIS A 192 10.45 -0.51 2.53
CA HIS A 192 9.01 -0.44 2.54
C HIS A 192 8.64 0.11 3.91
N MET A 193 8.89 1.41 4.09
CA MET A 193 8.78 2.14 5.35
C MET A 193 7.97 3.41 5.20
N GLY A 194 8.05 4.03 4.03
CA GLY A 194 7.32 5.25 3.71
C GLY A 194 8.09 6.52 3.87
N HIS A 195 7.71 7.54 3.07
CA HIS A 195 8.28 8.87 3.10
C HIS A 195 7.31 9.84 3.78
N TYR A 196 7.76 10.44 4.87
CA TYR A 196 6.95 11.43 5.62
C TYR A 196 7.72 12.75 5.61
N ASP A 197 7.03 13.86 5.25
CA ASP A 197 7.62 15.20 5.18
C ASP A 197 8.31 15.54 6.51
N ASN A 198 9.62 15.85 6.45
CA ASN A 198 10.45 16.20 7.63
C ASN A 198 10.51 15.05 8.70
N GLY A 199 10.18 13.83 8.27
CA GLY A 199 10.15 12.66 9.12
C GLY A 199 8.99 12.64 10.09
N GLU A 200 7.95 13.45 9.81
CA GLU A 200 6.73 13.54 10.63
C GLU A 200 5.77 12.37 10.28
N HIS A 201 6.10 11.18 10.81
CA HIS A 201 5.41 9.90 10.58
C HIS A 201 4.01 9.79 11.18
N GLY A 202 3.71 10.58 12.21
CA GLY A 202 2.43 10.56 12.90
C GLY A 202 2.23 9.28 13.68
N SER A 203 1.12 8.57 13.38
CA SER A 203 0.75 7.30 14.02
C SER A 203 1.50 6.11 13.38
N ASN A 204 2.13 6.34 12.20
CA ASN A 204 2.91 5.34 11.48
C ASN A 204 4.26 5.15 12.16
N ALA A 205 4.91 4.00 11.90
CA ALA A 205 6.26 3.74 12.43
C ALA A 205 7.24 4.66 11.67
N PRO A 206 8.35 5.11 12.31
CA PRO A 206 9.31 5.96 11.58
C PRO A 206 9.75 5.39 10.23
N GLY A 207 9.75 6.25 9.22
CA GLY A 207 10.10 5.90 7.85
C GLY A 207 11.49 6.30 7.40
N ASP A 208 11.63 6.48 6.07
CA ASP A 208 12.86 6.79 5.34
C ASP A 208 13.63 8.00 5.76
N VAL A 209 12.95 9.13 5.96
CA VAL A 209 13.59 10.39 6.35
C VAL A 209 14.34 10.22 7.68
N GLU A 210 13.64 9.72 8.71
CA GLU A 210 14.15 9.48 10.07
C GLU A 210 15.33 8.52 10.05
N MET A 211 15.26 7.46 9.21
CA MET A 211 16.32 6.48 9.09
C MET A 211 17.57 7.09 8.46
N ALA A 212 17.40 7.84 7.35
CA ALA A 212 18.52 8.48 6.65
C ALA A 212 19.25 9.42 7.62
N ARG A 213 18.51 10.16 8.47
CA ARG A 213 19.06 11.07 9.48
C ARG A 213 19.86 10.33 10.58
N ALA A 214 19.40 9.14 11.00
CA ALA A 214 20.05 8.32 12.04
C ALA A 214 21.34 7.61 11.57
N LEU A 215 21.49 7.43 10.25
CA LEU A 215 22.64 6.71 9.67
C LEU A 215 23.86 7.61 9.51
N PRO A 216 25.09 7.06 9.38
CA PRO A 216 26.25 7.93 9.12
C PRO A 216 26.04 8.64 7.76
N ALA A 217 26.49 9.90 7.64
CA ALA A 217 26.28 10.72 6.44
C ALA A 217 26.71 10.03 5.15
N GLY A 218 25.83 10.05 4.14
CA GLY A 218 26.07 9.45 2.84
C GLY A 218 26.40 7.96 2.80
N SER A 219 26.18 7.22 3.93
CA SER A 219 26.47 5.76 4.02
C SER A 219 25.68 4.94 3.00
N LEU A 220 24.54 5.47 2.57
CA LEU A 220 23.73 4.88 1.50
C LEU A 220 23.73 5.89 0.38
N ALA A 221 23.86 5.43 -0.87
CA ALA A 221 23.77 6.33 -2.01
C ALA A 221 22.33 6.79 -2.10
N MET A 222 21.37 5.84 -1.86
CA MET A 222 19.95 6.10 -1.98
CA MET A 222 19.94 6.13 -1.92
C MET A 222 19.08 5.12 -1.17
N ILE A 223 17.87 5.56 -0.81
CA ILE A 223 16.84 4.75 -0.18
C ILE A 223 15.76 4.65 -1.26
N VAL A 224 15.52 3.44 -1.78
CA VAL A 224 14.45 3.22 -2.76
C VAL A 224 13.22 2.86 -1.92
N GLY A 225 12.31 3.80 -1.81
CA GLY A 225 11.14 3.68 -0.94
C GLY A 225 9.90 3.04 -1.49
N GLY A 226 8.91 2.97 -0.61
CA GLY A 226 7.61 2.38 -0.85
C GLY A 226 6.73 2.57 0.36
N HIS A 227 5.62 1.79 0.46
CA HIS A 227 4.67 1.82 1.57
C HIS A 227 3.71 3.03 1.58
N SER A 228 4.25 4.26 1.75
CA SER A 228 3.45 5.49 1.79
C SER A 228 2.68 5.80 0.48
N GLN A 229 3.07 5.16 -0.65
CA GLN A 229 2.45 5.26 -1.99
C GLN A 229 2.38 6.70 -2.48
N ASP A 230 3.58 7.28 -2.64
CA ASP A 230 3.76 8.65 -3.06
C ASP A 230 4.84 8.79 -4.12
N PRO A 231 4.64 9.67 -5.11
CA PRO A 231 5.76 10.03 -5.99
C PRO A 231 6.63 11.00 -5.17
N VAL A 232 7.88 10.62 -4.81
CA VAL A 232 8.74 11.50 -4.01
C VAL A 232 9.35 12.61 -4.88
N CYS A 233 8.60 13.72 -4.97
CA CYS A 233 8.90 14.93 -5.75
C CYS A 233 8.66 16.10 -4.82
N MET A 234 9.75 16.79 -4.47
CA MET A 234 9.73 17.89 -3.51
C MET A 234 9.26 19.21 -4.09
N ALA A 235 8.36 19.89 -3.37
CA ALA A 235 7.84 21.21 -3.75
C ALA A 235 8.76 22.27 -3.13
N ALA A 236 9.30 21.96 -1.93
CA ALA A 236 10.22 22.78 -1.14
C ALA A 236 11.00 21.84 -0.21
N GLU A 237 11.92 22.39 0.60
CA GLU A 237 12.70 21.61 1.56
C GLU A 237 11.76 20.97 2.59
N ASN A 238 11.82 19.62 2.73
CA ASN A 238 11.01 18.83 3.65
C ASN A 238 9.50 18.90 3.39
N LYS A 239 9.10 19.13 2.12
CA LYS A 239 7.70 19.18 1.69
C LYS A 239 7.53 18.58 0.30
N LYS A 240 6.88 17.40 0.20
CA LYS A 240 6.58 16.75 -1.07
C LYS A 240 5.48 17.52 -1.79
N GLN A 241 5.45 17.44 -3.12
CA GLN A 241 4.42 18.05 -3.94
C GLN A 241 3.08 17.38 -3.64
N VAL A 242 2.02 18.19 -3.58
CA VAL A 242 0.66 17.71 -3.39
C VAL A 242 0.09 17.74 -4.80
N ASP A 243 -0.47 16.60 -5.24
CA ASP A 243 -1.04 16.42 -6.58
C ASP A 243 0.01 16.58 -7.70
N TYR A 244 1.02 15.68 -7.69
CA TYR A 244 2.10 15.62 -8.68
C TYR A 244 1.52 15.26 -10.05
N VAL A 245 1.89 16.04 -11.09
CA VAL A 245 1.42 15.86 -12.47
C VAL A 245 2.39 14.92 -13.25
N PRO A 246 1.89 13.82 -13.88
CA PRO A 246 2.78 12.95 -14.68
C PRO A 246 3.46 13.71 -15.83
N GLY A 247 4.76 13.44 -16.03
CA GLY A 247 5.55 14.11 -17.07
C GLY A 247 6.28 15.37 -16.62
N THR A 248 5.95 15.88 -15.42
CA THR A 248 6.63 17.07 -14.88
C THR A 248 7.95 16.63 -14.19
N PRO A 249 8.90 17.56 -13.99
CA PRO A 249 10.16 17.17 -13.34
C PRO A 249 9.90 16.69 -11.93
N CYS A 250 10.77 15.79 -11.42
CA CYS A 250 10.59 15.28 -10.08
C CYS A 250 11.87 15.40 -9.32
N LYS A 251 11.91 16.35 -8.35
CA LYS A 251 13.05 16.60 -7.46
C LYS A 251 12.95 15.61 -6.28
N PRO A 252 13.81 14.58 -6.20
CA PRO A 252 13.72 13.67 -5.05
C PRO A 252 14.30 14.31 -3.78
N ASP A 253 13.96 13.75 -2.63
CA ASP A 253 14.42 14.23 -1.34
C ASP A 253 15.84 13.76 -1.03
N GLN A 254 16.61 14.59 -0.32
CA GLN A 254 17.96 14.25 0.12
C GLN A 254 18.07 14.61 1.59
N GLN A 255 18.43 13.64 2.42
CA GLN A 255 18.55 13.83 3.86
C GLN A 255 19.86 13.21 4.33
N ASN A 256 20.71 13.99 5.02
CA ASN A 256 22.01 13.54 5.55
C ASN A 256 22.90 12.86 4.46
N GLY A 257 22.90 13.44 3.25
CA GLY A 257 23.68 12.97 2.11
C GLY A 257 23.12 11.74 1.41
N ILE A 258 21.91 11.34 1.77
CA ILE A 258 21.22 10.16 1.21
C ILE A 258 19.96 10.58 0.46
N TRP A 259 19.88 10.20 -0.83
CA TRP A 259 18.69 10.46 -1.65
C TRP A 259 17.56 9.50 -1.27
N ILE A 260 16.32 10.01 -1.22
CA ILE A 260 15.14 9.22 -0.90
C ILE A 260 14.16 9.37 -2.05
N VAL A 261 13.84 8.25 -2.69
CA VAL A 261 12.97 8.20 -3.87
C VAL A 261 11.79 7.25 -3.68
N GLN A 262 10.71 7.50 -4.41
CA GLN A 262 9.52 6.66 -4.44
C GLN A 262 8.81 6.91 -5.76
N ALA A 263 8.29 5.83 -6.39
CA ALA A 263 7.65 5.92 -7.70
C ALA A 263 6.11 5.70 -7.66
N HIS A 264 5.47 6.28 -6.63
CA HIS A 264 4.02 6.25 -6.40
C HIS A 264 3.48 4.83 -6.17
N GLU A 265 2.86 4.21 -7.20
CA GLU A 265 2.21 2.90 -7.09
C GLU A 265 1.81 2.32 -8.43
N TRP A 266 1.40 1.03 -8.41
CA TRP A 266 0.73 0.27 -9.48
C TRP A 266 1.43 0.19 -10.83
N GLY A 267 2.74 0.39 -10.85
CA GLY A 267 3.50 0.43 -12.09
C GLY A 267 3.18 1.66 -12.91
N LYS A 268 2.60 2.69 -12.28
CA LYS A 268 2.23 3.95 -12.95
C LYS A 268 3.48 4.66 -13.47
N TYR A 269 4.58 4.54 -12.74
CA TYR A 269 5.85 5.16 -13.14
C TYR A 269 6.99 4.23 -12.90
N VAL A 270 8.06 4.43 -13.64
CA VAL A 270 9.35 3.80 -13.43
C VAL A 270 10.22 5.00 -13.03
N GLY A 271 10.70 4.98 -11.80
CA GLY A 271 11.63 6.00 -11.32
C GLY A 271 12.98 5.75 -11.94
N ARG A 272 13.68 6.82 -12.34
CA ARG A 272 15.00 6.70 -12.96
C ARG A 272 15.99 7.66 -12.30
N ALA A 273 16.99 7.10 -11.60
CA ALA A 273 18.02 7.92 -10.96
C ALA A 273 19.35 7.62 -11.63
N ASP A 274 19.85 8.58 -12.41
CA ASP A 274 21.15 8.48 -13.09
C ASP A 274 22.22 9.05 -12.19
N PHE A 275 23.19 8.22 -11.87
CA PHE A 275 24.32 8.57 -11.00
C PHE A 275 25.65 8.44 -11.71
N GLU A 276 26.65 9.14 -11.19
CA GLU A 276 28.02 9.00 -11.63
C GLU A 276 28.84 8.63 -10.40
N PHE A 277 29.62 7.55 -10.50
CA PHE A 277 30.50 7.07 -9.43
C PHE A 277 31.93 7.36 -9.85
N ARG A 278 32.72 7.89 -8.93
CA ARG A 278 34.15 8.11 -9.15
C ARG A 278 34.82 8.12 -7.79
N ASN A 279 35.80 7.22 -7.61
CA ASN A 279 36.60 7.16 -6.38
C ASN A 279 35.78 7.13 -5.09
N GLY A 280 34.72 6.32 -5.08
CA GLY A 280 33.85 6.17 -3.93
C GLY A 280 32.70 7.16 -3.85
N GLU A 281 32.82 8.30 -4.57
CA GLU A 281 31.77 9.33 -4.59
C GLU A 281 30.64 8.93 -5.52
N MET A 282 29.38 9.15 -5.09
CA MET A 282 28.17 8.89 -5.88
C MET A 282 27.50 10.22 -6.05
N LYS A 283 27.31 10.64 -7.28
CA LYS A 283 26.66 11.92 -7.53
C LYS A 283 25.44 11.73 -8.41
N MET A 284 24.29 12.23 -7.98
CA MET A 284 23.08 12.15 -8.81
C MET A 284 23.08 13.26 -9.86
N VAL A 285 23.00 12.87 -11.12
CA VAL A 285 23.01 13.76 -12.28
C VAL A 285 21.57 14.10 -12.64
N ASN A 286 20.68 13.11 -12.61
CA ASN A 286 19.31 13.33 -13.00
C ASN A 286 18.38 12.38 -12.37
N TYR A 287 17.17 12.86 -12.09
CA TYR A 287 16.11 12.06 -11.52
C TYR A 287 14.81 12.35 -12.25
N GLN A 288 14.08 11.29 -12.63
CA GLN A 288 12.77 11.41 -13.26
C GLN A 288 11.85 10.24 -12.93
N LEU A 289 10.55 10.52 -13.01
CA LEU A 289 9.51 9.50 -12.90
C LEU A 289 8.98 9.38 -14.31
N ILE A 290 9.13 8.21 -14.92
CA ILE A 290 8.68 7.99 -16.29
C ILE A 290 7.27 7.42 -16.25
N PRO A 291 6.25 8.15 -16.76
CA PRO A 291 4.87 7.60 -16.78
C PRO A 291 4.77 6.37 -17.68
N VAL A 292 4.00 5.37 -17.25
CA VAL A 292 3.85 4.14 -18.05
C VAL A 292 2.45 4.16 -18.65
N ASN A 293 2.33 4.82 -19.81
CA ASN A 293 1.06 4.98 -20.54
C ASN A 293 -0.01 5.61 -19.67
N LEU A 294 0.37 6.60 -18.84
CA LEU A 294 -0.62 7.29 -18.01
C LEU A 294 -1.47 8.20 -18.90
N LYS A 295 -2.77 8.26 -18.60
CA LYS A 295 -3.73 9.05 -19.39
C LYS A 295 -4.46 10.09 -18.55
N LYS A 296 -4.61 11.28 -19.09
CA LYS A 296 -5.34 12.36 -18.44
C LYS A 296 -6.83 12.23 -18.84
N LYS A 297 -7.73 12.34 -17.86
CA LYS A 297 -9.17 12.33 -18.13
C LYS A 297 -9.54 13.75 -18.56
N VAL A 298 -10.02 13.89 -19.79
CA VAL A 298 -10.41 15.18 -20.34
C VAL A 298 -11.92 15.20 -20.48
N THR A 299 -12.60 16.22 -19.90
CA THR A 299 -14.06 16.37 -19.98
C THR A 299 -14.45 17.65 -20.72
N TRP A 300 -15.13 17.48 -21.86
CA TRP A 300 -15.58 18.60 -22.67
C TRP A 300 -16.85 19.20 -22.04
N GLU A 301 -17.24 20.42 -22.46
CA GLU A 301 -18.41 21.11 -21.91
C GLU A 301 -19.73 20.41 -22.12
N ASP A 302 -19.84 19.56 -23.15
CA ASP A 302 -21.07 18.79 -23.42
C ASP A 302 -21.14 17.56 -22.52
N GLY A 303 -20.14 17.40 -21.64
CA GLY A 303 -20.10 16.27 -20.72
C GLY A 303 -19.42 15.03 -21.25
N LYS A 304 -19.02 15.03 -22.55
CA LYS A 304 -18.29 13.88 -23.10
C LYS A 304 -16.83 13.85 -22.60
N SER A 305 -16.38 12.65 -22.26
CA SER A 305 -15.08 12.37 -21.68
C SER A 305 -14.22 11.47 -22.54
N GLU A 306 -12.91 11.63 -22.40
CA GLU A 306 -11.92 10.80 -23.05
C GLU A 306 -10.64 10.79 -22.23
N ARG A 307 -9.87 9.70 -22.37
CA ARG A 307 -8.60 9.52 -21.65
C ARG A 307 -7.51 9.70 -22.70
N VAL A 308 -6.54 10.58 -22.43
CA VAL A 308 -5.50 10.93 -23.39
C VAL A 308 -4.12 10.80 -22.78
N LEU A 309 -3.22 10.09 -23.48
CA LEU A 309 -1.84 9.90 -23.05
C LEU A 309 -1.13 11.23 -22.78
N TYR A 310 -0.39 11.32 -21.67
CA TYR A 310 0.41 12.52 -21.33
C TYR A 310 1.65 12.53 -22.22
N THR A 311 2.27 11.34 -22.40
CA THR A 311 3.50 11.14 -23.18
C THR A 311 3.29 10.12 -24.34
N PRO A 312 4.21 9.96 -25.33
CA PRO A 312 3.95 8.99 -26.42
C PRO A 312 3.76 7.56 -25.92
N GLU A 313 2.92 6.82 -26.63
CA GLU A 313 2.58 5.43 -26.30
C GLU A 313 3.78 4.51 -26.22
N ILE A 314 3.81 3.72 -25.14
CA ILE A 314 4.80 2.69 -24.97
C ILE A 314 4.09 1.41 -25.44
N ALA A 315 4.63 0.77 -26.50
CA ALA A 315 4.05 -0.49 -27.00
C ALA A 315 4.15 -1.59 -25.92
N GLU A 316 3.18 -2.49 -25.92
CA GLU A 316 3.17 -3.60 -24.98
C GLU A 316 4.05 -4.72 -25.54
N ASN A 317 5.06 -5.16 -24.77
CA ASN A 317 5.97 -6.24 -25.17
C ASN A 317 5.17 -7.53 -25.34
N GLN A 318 5.24 -8.15 -26.53
CA GLN A 318 4.48 -9.35 -26.90
C GLN A 318 4.83 -10.60 -26.11
N GLN A 319 6.11 -10.75 -25.74
CA GLN A 319 6.56 -11.86 -24.92
C GLN A 319 5.92 -11.75 -23.53
N MET A 320 5.79 -10.52 -23.00
CA MET A 320 5.11 -10.29 -21.71
C MET A 320 3.61 -10.63 -21.82
N ILE A 321 2.97 -10.22 -22.91
CA ILE A 321 1.55 -10.50 -23.19
C ILE A 321 1.31 -12.02 -23.26
N SER A 322 2.21 -12.76 -23.95
CA SER A 322 2.13 -14.23 -24.04
C SER A 322 2.30 -14.87 -22.67
N LEU A 323 3.21 -14.33 -21.81
CA LEU A 323 3.39 -14.84 -20.44
C LEU A 323 2.15 -14.55 -19.53
N LEU A 324 1.63 -13.32 -19.61
CA LEU A 324 0.56 -12.86 -18.74
C LEU A 324 -0.86 -13.23 -19.11
N SER A 325 -1.19 -13.25 -20.42
CA SER A 325 -2.53 -13.61 -20.92
C SER A 325 -3.13 -14.86 -20.27
N PRO A 326 -2.43 -16.04 -20.15
CA PRO A 326 -3.05 -17.21 -19.48
C PRO A 326 -3.44 -16.96 -18.02
N PHE A 327 -2.71 -16.10 -17.30
CA PHE A 327 -3.02 -15.75 -15.91
C PHE A 327 -4.20 -14.77 -15.85
N GLN A 328 -4.27 -13.86 -16.84
CA GLN A 328 -5.40 -12.95 -16.94
C GLN A 328 -6.70 -13.72 -17.19
N ASN A 329 -6.68 -14.76 -18.03
CA ASN A 329 -7.84 -15.62 -18.30
C ASN A 329 -8.15 -16.49 -17.08
N LYS A 330 -7.11 -17.05 -16.42
CA LYS A 330 -7.30 -17.89 -15.23
C LYS A 330 -7.90 -17.05 -14.10
N GLY A 331 -7.41 -15.81 -13.93
CA GLY A 331 -7.87 -14.86 -12.92
C GLY A 331 -9.37 -14.61 -13.08
N LYS A 332 -9.79 -14.37 -14.33
CA LYS A 332 -11.20 -14.15 -14.71
C LYS A 332 -12.09 -15.36 -14.41
N ALA A 333 -11.60 -16.57 -14.76
CA ALA A 333 -12.34 -17.82 -14.51
C ALA A 333 -12.55 -18.01 -13.00
N GLN A 334 -11.56 -17.64 -12.17
CA GLN A 334 -11.62 -17.71 -10.71
C GLN A 334 -12.60 -16.70 -10.10
N LEU A 335 -12.78 -15.57 -10.77
CA LEU A 335 -13.68 -14.49 -10.37
C LEU A 335 -15.15 -14.72 -10.76
N GLU A 336 -15.39 -15.69 -11.66
CA GLU A 336 -16.72 -16.08 -12.14
C GLU A 336 -17.45 -16.93 -11.07
N VAL A 337 -17.69 -16.32 -9.91
CA VAL A 337 -18.39 -16.98 -8.81
C VAL A 337 -19.44 -16.03 -8.31
N LYS A 338 -20.69 -16.49 -8.27
CA LYS A 338 -21.78 -15.72 -7.69
C LYS A 338 -21.72 -16.04 -6.21
N ILE A 339 -21.62 -15.02 -5.38
CA ILE A 339 -21.55 -15.20 -3.93
C ILE A 339 -22.89 -14.84 -3.26
N GLY A 340 -23.77 -14.18 -4.01
CA GLY A 340 -25.07 -13.77 -3.50
C GLY A 340 -25.79 -12.84 -4.44
N GLU A 341 -26.79 -12.14 -3.89
CA GLU A 341 -27.58 -11.20 -4.66
C GLU A 341 -28.15 -10.10 -3.83
N THR A 342 -28.47 -9.00 -4.51
CA THR A 342 -29.06 -7.83 -3.89
C THR A 342 -30.25 -7.36 -4.72
N ASN A 343 -31.32 -6.92 -4.03
CA ASN A 343 -32.53 -6.40 -4.69
C ASN A 343 -32.35 -4.93 -5.06
N GLY A 344 -31.18 -4.35 -4.76
CA GLY A 344 -30.93 -2.95 -5.05
C GLY A 344 -29.47 -2.56 -5.04
N ARG A 345 -29.19 -1.38 -5.59
CA ARG A 345 -27.84 -0.84 -5.64
C ARG A 345 -27.31 -0.51 -4.23
N LEU A 346 -26.06 -0.86 -3.98
CA LEU A 346 -25.36 -0.54 -2.73
C LEU A 346 -24.39 0.58 -3.09
N GLU A 347 -24.72 1.80 -2.65
CA GLU A 347 -24.03 3.06 -2.92
C GLU A 347 -22.61 3.16 -2.35
N GLY A 348 -21.63 3.00 -3.23
CA GLY A 348 -20.23 3.11 -2.85
C GLY A 348 -19.46 4.16 -3.62
N ASP A 349 -20.17 5.09 -4.27
CA ASP A 349 -19.54 6.17 -5.04
C ASP A 349 -18.87 7.20 -4.17
N ARG A 350 -17.67 7.65 -4.60
CA ARG A 350 -16.83 8.62 -3.88
C ARG A 350 -17.59 9.87 -3.45
N ASP A 351 -18.38 10.46 -4.37
CA ASP A 351 -19.16 11.66 -4.09
C ASP A 351 -20.32 11.43 -3.09
N LYS A 352 -20.49 10.18 -2.64
CA LYS A 352 -21.50 9.80 -1.64
C LYS A 352 -20.87 9.36 -0.32
N VAL A 353 -19.99 8.36 -0.36
CA VAL A 353 -19.32 7.78 0.83
C VAL A 353 -18.46 8.77 1.64
N ARG A 354 -17.96 9.83 0.99
CA ARG A 354 -17.14 10.84 1.66
C ARG A 354 -17.97 12.07 2.03
N PHE A 355 -19.31 11.99 1.91
CA PHE A 355 -20.20 13.12 2.16
C PHE A 355 -21.39 12.81 3.06
N VAL A 356 -22.00 11.61 2.90
CA VAL A 356 -23.21 11.19 3.61
C VAL A 356 -23.13 9.72 3.98
N GLN A 357 -24.02 9.28 4.86
CA GLN A 357 -24.15 7.87 5.24
C GLN A 357 -24.75 7.11 4.08
N THR A 358 -24.16 5.97 3.69
CA THR A 358 -24.70 5.17 2.58
C THR A 358 -25.05 3.74 3.01
N ASN A 359 -25.90 3.05 2.19
CA ASN A 359 -26.29 1.67 2.46
C ASN A 359 -25.10 0.70 2.36
N MET A 360 -24.06 1.04 1.54
CA MET A 360 -22.83 0.23 1.44
C MET A 360 -22.04 0.32 2.77
N GLY A 361 -21.97 1.53 3.36
CA GLY A 361 -21.37 1.73 4.68
C GLY A 361 -22.04 0.81 5.70
N ARG A 362 -23.38 0.81 5.74
CA ARG A 362 -24.19 -0.05 6.63
C ARG A 362 -23.97 -1.52 6.40
N LEU A 363 -23.89 -1.97 5.12
CA LEU A 363 -23.67 -3.37 4.77
C LEU A 363 -22.31 -3.84 5.27
N ILE A 364 -21.23 -3.10 4.95
CA ILE A 364 -19.85 -3.43 5.36
C ILE A 364 -19.77 -3.49 6.89
N LEU A 365 -20.30 -2.47 7.56
CA LEU A 365 -20.26 -2.42 9.01
C LEU A 365 -21.13 -3.51 9.65
N ALA A 366 -22.25 -3.89 9.00
CA ALA A 366 -23.09 -5.01 9.48
C ALA A 366 -22.31 -6.33 9.41
N ALA A 367 -21.50 -6.50 8.36
CA ALA A 367 -20.64 -7.68 8.16
C ALA A 367 -19.58 -7.72 9.26
N GLN A 368 -18.97 -6.56 9.57
CA GLN A 368 -17.93 -6.45 10.60
C GLN A 368 -18.46 -6.68 12.00
N MET A 369 -19.63 -6.12 12.33
CA MET A 369 -20.28 -6.32 13.65
C MET A 369 -20.69 -7.77 13.82
N ASP A 370 -21.23 -8.37 12.76
CA ASP A 370 -21.69 -9.76 12.81
C ASP A 370 -20.50 -10.71 13.08
N ARG A 371 -19.35 -10.47 12.45
CA ARG A 371 -18.19 -11.34 12.66
C ARG A 371 -17.60 -11.18 14.07
N THR A 372 -17.55 -9.92 14.58
CA THR A 372 -16.92 -9.61 15.88
C THR A 372 -17.84 -9.65 17.09
N GLY A 373 -19.16 -9.73 16.88
CA GLY A 373 -20.16 -9.64 17.95
C GLY A 373 -20.22 -8.22 18.49
N ALA A 374 -19.90 -7.24 17.62
CA ALA A 374 -19.89 -5.82 18.01
C ALA A 374 -21.27 -5.21 18.15
N ASP A 375 -21.37 -4.17 19.01
CA ASP A 375 -22.61 -3.41 19.26
C ASP A 375 -22.79 -2.30 18.25
N PHE A 376 -21.66 -1.71 17.80
CA PHE A 376 -21.66 -0.59 16.86
C PHE A 376 -20.38 -0.62 16.06
N ALA A 377 -20.30 0.19 15.02
CA ALA A 377 -19.12 0.18 14.15
C ALA A 377 -18.92 1.51 13.44
N VAL A 378 -17.69 1.71 12.95
CA VAL A 378 -17.35 2.95 12.22
C VAL A 378 -16.24 2.58 11.25
N MET A 379 -16.17 3.30 10.13
CA MET A 379 -15.10 3.18 9.16
C MET A 379 -15.00 4.48 8.39
N SER A 380 -13.84 4.70 7.78
CA SER A 380 -13.61 5.86 6.92
C SER A 380 -14.34 5.64 5.63
N GLY A 381 -15.02 6.67 5.13
CA GLY A 381 -15.70 6.63 3.83
C GLY A 381 -14.70 6.35 2.72
N GLY A 382 -13.44 6.73 2.95
CA GLY A 382 -12.33 6.48 2.06
C GLY A 382 -11.96 5.01 1.87
N GLY A 383 -12.44 4.15 2.78
CA GLY A 383 -12.21 2.71 2.72
C GLY A 383 -13.20 1.94 1.84
N ILE A 384 -14.27 2.63 1.36
CA ILE A 384 -15.31 2.09 0.45
C ILE A 384 -14.88 2.49 -0.96
N ARG A 385 -14.44 1.48 -1.74
CA ARG A 385 -13.84 1.73 -3.06
C ARG A 385 -14.68 1.57 -4.31
N ASP A 386 -15.93 1.10 -4.13
CA ASP A 386 -16.84 0.88 -5.25
C ASP A 386 -18.24 0.62 -4.75
N SER A 387 -19.17 0.53 -5.69
CA SER A 387 -20.57 0.21 -5.48
C SER A 387 -20.80 -1.22 -5.89
N ILE A 388 -21.93 -1.78 -5.48
CA ILE A 388 -22.42 -3.08 -5.90
C ILE A 388 -23.78 -2.82 -6.54
N GLU A 389 -23.90 -3.11 -7.83
CA GLU A 389 -25.16 -2.92 -8.57
C GLU A 389 -26.20 -3.96 -8.17
N ALA A 390 -27.48 -3.64 -8.39
CA ALA A 390 -28.59 -4.58 -8.17
C ALA A 390 -28.34 -5.86 -9.00
N GLY A 391 -28.77 -7.00 -8.45
CA GLY A 391 -28.65 -8.29 -9.09
C GLY A 391 -27.64 -9.20 -8.42
N ASP A 392 -26.99 -10.05 -9.25
CA ASP A 392 -25.98 -11.01 -8.81
C ASP A 392 -24.72 -10.32 -8.33
N ILE A 393 -24.13 -10.84 -7.26
CA ILE A 393 -22.91 -10.32 -6.68
C ILE A 393 -21.83 -11.34 -6.86
N SER A 394 -20.77 -10.94 -7.54
CA SER A 394 -19.62 -11.81 -7.76
C SER A 394 -18.56 -11.57 -6.68
N TYR A 395 -17.58 -12.48 -6.53
CA TYR A 395 -16.48 -12.26 -5.59
C TYR A 395 -15.66 -11.00 -6.07
N LYS A 396 -15.55 -10.80 -7.41
CA LYS A 396 -14.88 -9.64 -8.01
C LYS A 396 -15.49 -8.31 -7.52
N ASN A 397 -16.83 -8.21 -7.53
CA ASN A 397 -17.60 -7.05 -7.06
C ASN A 397 -17.23 -6.74 -5.61
N VAL A 398 -17.20 -7.76 -4.73
CA VAL A 398 -16.80 -7.62 -3.33
C VAL A 398 -15.34 -7.13 -3.22
N LEU A 399 -14.42 -7.73 -3.99
CA LEU A 399 -13.00 -7.34 -3.97
C LEU A 399 -12.76 -5.91 -4.43
N LYS A 400 -13.61 -5.39 -5.35
CA LYS A 400 -13.49 -4.01 -5.80
C LYS A 400 -13.93 -3.01 -4.73
N VAL A 401 -14.90 -3.40 -3.87
CA VAL A 401 -15.38 -2.56 -2.76
C VAL A 401 -14.29 -2.47 -1.66
N GLN A 402 -13.61 -3.61 -1.37
CA GLN A 402 -12.60 -3.74 -0.31
C GLN A 402 -11.34 -4.35 -0.93
N PRO A 403 -10.53 -3.52 -1.62
CA PRO A 403 -9.37 -4.08 -2.35
C PRO A 403 -8.03 -4.07 -1.64
N PHE A 404 -7.95 -3.42 -0.47
CA PHE A 404 -6.67 -3.16 0.17
C PHE A 404 -6.13 -4.15 1.17
N GLY A 405 -6.85 -5.23 1.45
CA GLY A 405 -6.37 -6.21 2.41
C GLY A 405 -6.33 -5.66 3.83
N ASN A 406 -7.31 -4.80 4.22
CA ASN A 406 -7.42 -4.32 5.62
C ASN A 406 -7.95 -5.47 6.45
N VAL A 407 -7.72 -5.38 7.73
CA VAL A 407 -8.08 -6.40 8.70
C VAL A 407 -9.13 -5.85 9.67
N VAL A 408 -10.08 -6.70 10.04
CA VAL A 408 -11.18 -6.35 10.93
C VAL A 408 -10.73 -6.52 12.38
N VAL A 409 -11.00 -5.49 13.18
CA VAL A 409 -10.64 -5.46 14.59
C VAL A 409 -11.86 -5.04 15.42
N TYR A 410 -11.77 -5.22 16.73
CA TYR A 410 -12.79 -4.73 17.63
C TYR A 410 -12.15 -4.24 18.93
N ALA A 411 -12.88 -3.42 19.67
CA ALA A 411 -12.41 -2.94 20.96
C ALA A 411 -13.59 -2.90 21.88
N ASP A 412 -13.44 -3.48 23.08
CA ASP A 412 -14.40 -3.44 24.17
C ASP A 412 -14.05 -2.22 24.97
N MET A 413 -14.99 -1.32 25.09
CA MET A 413 -14.74 -0.08 25.81
C MET A 413 -15.91 0.34 26.69
N THR A 414 -15.66 1.21 27.65
CA THR A 414 -16.72 1.72 28.52
C THR A 414 -17.54 2.74 27.75
N GLY A 415 -18.76 3.00 28.20
CA GLY A 415 -19.63 4.00 27.61
C GLY A 415 -19.00 5.39 27.56
N LYS A 416 -18.19 5.72 28.57
CA LYS A 416 -17.44 6.99 28.65
C LYS A 416 -16.46 7.08 27.46
N GLU A 417 -15.68 6.00 27.21
CA GLU A 417 -14.75 5.90 26.07
C GLU A 417 -15.51 5.98 24.76
N VAL A 418 -16.72 5.35 24.69
CA VAL A 418 -17.60 5.41 23.50
C VAL A 418 -17.97 6.88 23.21
N ILE A 419 -18.40 7.63 24.25
CA ILE A 419 -18.79 9.04 24.14
C ILE A 419 -17.60 9.87 23.59
N ASP A 420 -16.41 9.75 24.21
CA ASP A 420 -15.19 10.47 23.80
C ASP A 420 -14.73 10.09 22.40
N TYR A 421 -14.74 8.78 22.09
CA TYR A 421 -14.35 8.25 20.78
C TYR A 421 -15.28 8.77 19.66
N LEU A 422 -16.61 8.60 19.81
CA LEU A 422 -17.56 9.07 18.78
C LEU A 422 -17.56 10.59 18.63
N THR A 423 -17.32 11.34 19.74
CA THR A 423 -17.23 12.81 19.72
C THR A 423 -16.07 13.26 18.83
N ALA A 424 -14.89 12.61 18.96
CA ALA A 424 -13.73 12.96 18.13
C ALA A 424 -13.96 12.58 16.65
N VAL A 425 -14.56 11.40 16.39
CA VAL A 425 -14.85 10.89 15.05
C VAL A 425 -15.89 11.75 14.32
N ALA A 426 -16.91 12.25 15.05
CA ALA A 426 -17.97 13.11 14.49
C ALA A 426 -17.40 14.45 13.99
N GLN A 427 -16.17 14.82 14.41
CA GLN A 427 -15.49 16.06 13.99
C GLN A 427 -14.90 15.91 12.57
N MET A 428 -14.81 14.68 12.04
CA MET A 428 -14.29 14.42 10.68
C MET A 428 -15.30 15.00 9.70
N LYS A 429 -14.84 15.84 8.78
CA LYS A 429 -15.71 16.55 7.87
C LYS A 429 -16.05 15.85 6.56
N PRO A 430 -17.23 16.17 5.94
CA PRO A 430 -17.51 15.60 4.61
C PRO A 430 -16.50 16.15 3.58
N ASP A 431 -16.42 15.52 2.39
CA ASP A 431 -15.47 15.88 1.34
C ASP A 431 -14.03 15.49 1.76
N SER A 432 -13.91 14.37 2.48
CA SER A 432 -12.61 13.83 2.90
C SER A 432 -12.73 12.33 3.02
N GLY A 433 -11.61 11.64 2.86
CA GLY A 433 -11.56 10.19 3.00
C GLY A 433 -11.87 9.78 4.43
N ALA A 434 -11.60 10.69 5.38
CA ALA A 434 -11.79 10.52 6.82
C ALA A 434 -13.27 10.59 7.23
N TYR A 435 -14.16 11.10 6.35
CA TYR A 435 -15.60 11.18 6.65
C TYR A 435 -16.11 9.83 7.18
N PRO A 436 -16.72 9.80 8.37
CA PRO A 436 -17.13 8.52 8.94
C PRO A 436 -18.46 7.93 8.52
N GLN A 437 -18.44 6.62 8.29
CA GLN A 437 -19.62 5.81 8.02
C GLN A 437 -19.88 5.14 9.36
N PHE A 438 -21.10 5.24 9.90
CA PHE A 438 -21.47 4.66 11.19
C PHE A 438 -22.54 3.61 11.02
N ALA A 439 -22.65 2.71 12.01
CA ALA A 439 -23.70 1.69 12.09
C ALA A 439 -24.05 1.59 13.56
N ASN A 440 -25.36 1.51 13.86
CA ASN A 440 -25.92 1.40 15.22
C ASN A 440 -25.66 2.62 16.10
N VAL A 441 -25.40 3.77 15.48
CA VAL A 441 -25.14 5.03 16.19
C VAL A 441 -26.14 6.07 15.72
N SER A 442 -26.62 6.87 16.66
CA SER A 442 -27.51 7.97 16.38
C SER A 442 -27.13 9.13 17.28
N PHE A 443 -27.13 10.34 16.73
CA PHE A 443 -26.80 11.57 17.44
C PHE A 443 -27.15 12.78 16.60
N VAL A 444 -27.12 13.96 17.23
CA VAL A 444 -27.23 15.26 16.58
C VAL A 444 -25.94 15.97 16.99
N ALA A 445 -24.99 16.13 16.05
CA ALA A 445 -23.73 16.81 16.32
C ALA A 445 -23.93 18.33 16.24
N LYS A 446 -23.59 19.04 17.33
CA LYS A 446 -23.73 20.49 17.43
C LYS A 446 -22.62 21.07 18.31
N ASP A 447 -21.77 21.96 17.71
CA ASP A 447 -20.64 22.66 18.34
C ASP A 447 -19.56 21.73 18.93
N GLY A 448 -19.27 20.65 18.23
CA GLY A 448 -18.28 19.67 18.65
C GLY A 448 -18.74 18.77 19.78
N LYS A 449 -20.05 18.77 20.06
CA LYS A 449 -20.70 17.99 21.10
C LYS A 449 -21.78 17.11 20.47
N LEU A 450 -21.99 15.92 21.04
CA LEU A 450 -23.00 14.99 20.54
C LEU A 450 -24.22 15.02 21.45
N ASN A 451 -25.40 15.26 20.85
CA ASN A 451 -26.67 15.31 21.58
C ASN A 451 -27.49 14.07 21.24
N ASP A 452 -28.23 13.55 22.25
CA ASP A 452 -29.09 12.37 22.16
C ASP A 452 -28.33 11.17 21.55
N LEU A 453 -27.08 10.99 22.00
CA LEU A 453 -26.23 9.89 21.55
C LEU A 453 -26.83 8.58 22.03
N LYS A 454 -27.00 7.64 21.10
CA LYS A 454 -27.54 6.32 21.36
C LYS A 454 -26.78 5.26 20.59
N ILE A 455 -26.72 4.05 21.15
CA ILE A 455 -26.13 2.86 20.51
C ILE A 455 -27.27 1.87 20.46
N LYS A 456 -27.61 1.36 19.26
CA LYS A 456 -28.72 0.41 19.08
C LYS A 456 -30.05 0.97 19.65
N GLY A 457 -30.24 2.27 19.43
CA GLY A 457 -31.42 3.01 19.87
C GLY A 457 -31.50 3.25 21.36
N GLU A 458 -30.40 3.02 22.11
CA GLU A 458 -30.42 3.24 23.58
C GLU A 458 -29.42 4.26 24.08
N PRO A 459 -29.76 5.15 25.06
CA PRO A 459 -28.74 6.09 25.57
C PRO A 459 -27.49 5.37 26.08
N VAL A 460 -26.33 5.99 25.90
CA VAL A 460 -25.06 5.44 26.33
C VAL A 460 -24.92 5.47 27.87
N ASP A 461 -24.72 4.30 28.45
CA ASP A 461 -24.52 4.15 29.89
C ASP A 461 -22.99 4.15 30.10
N PRO A 462 -22.41 5.19 30.76
CA PRO A 462 -20.95 5.26 30.95
C PRO A 462 -20.24 4.01 31.54
N ALA A 463 -20.91 3.30 32.46
CA ALA A 463 -20.37 2.13 33.16
C ALA A 463 -20.39 0.87 32.30
N LYS A 464 -21.31 0.81 31.35
CA LYS A 464 -21.52 -0.32 30.46
C LYS A 464 -20.38 -0.49 29.44
N THR A 465 -20.11 -1.73 29.06
CA THR A 465 -19.12 -2.14 28.06
C THR A 465 -19.81 -2.30 26.71
N TYR A 466 -19.23 -1.69 25.68
CA TYR A 466 -19.72 -1.73 24.31
C TYR A 466 -18.57 -2.24 23.44
N ARG A 467 -18.89 -3.06 22.45
CA ARG A 467 -17.87 -3.53 21.52
C ARG A 467 -18.05 -2.78 20.21
N MET A 468 -16.96 -2.16 19.72
CA MET A 468 -16.99 -1.49 18.44
C MET A 468 -16.15 -2.27 17.45
N ALA A 469 -16.61 -2.38 16.21
CA ALA A 469 -15.83 -2.99 15.14
C ALA A 469 -15.33 -1.88 14.22
N THR A 470 -14.12 -2.02 13.69
CA THR A 470 -13.58 -1.09 12.67
C THR A 470 -12.51 -1.85 11.90
N LEU A 471 -11.68 -1.13 11.10
CA LEU A 471 -10.57 -1.74 10.42
C LEU A 471 -9.32 -1.42 11.18
N ASN A 472 -8.26 -2.24 11.01
CA ASN A 472 -6.93 -2.06 11.61
CA ASN A 472 -6.99 -2.01 11.70
C ASN A 472 -6.43 -0.62 11.34
N PHE A 473 -6.66 -0.13 10.11
CA PHE A 473 -6.28 1.18 9.61
C PHE A 473 -6.76 2.27 10.58
N ASN A 474 -8.09 2.36 10.82
CA ASN A 474 -8.68 3.36 11.72
C ASN A 474 -8.27 3.13 13.17
N ALA A 475 -8.24 1.85 13.63
CA ALA A 475 -7.88 1.51 15.02
C ALA A 475 -6.47 1.96 15.42
N THR A 476 -5.55 2.01 14.44
CA THR A 476 -4.14 2.40 14.66
C THR A 476 -3.87 3.89 14.36
N GLY A 477 -4.93 4.69 14.20
CA GLY A 477 -4.75 6.11 13.97
C GLY A 477 -4.94 6.61 12.55
N GLY A 478 -5.18 5.69 11.61
CA GLY A 478 -5.43 6.02 10.21
C GLY A 478 -6.50 7.08 10.08
N ASP A 479 -6.27 8.07 9.17
CA ASP A 479 -7.17 9.22 8.92
C ASP A 479 -7.40 10.10 10.15
N GLY A 480 -6.46 10.06 11.10
CA GLY A 480 -6.49 10.82 12.35
C GLY A 480 -7.50 10.33 13.38
N TYR A 481 -8.00 9.10 13.21
CA TYR A 481 -8.98 8.48 14.11
C TYR A 481 -8.32 8.22 15.47
N PRO A 482 -9.04 8.30 16.61
CA PRO A 482 -8.38 8.06 17.90
C PRO A 482 -7.90 6.61 17.99
N ARG A 483 -6.67 6.42 18.50
CA ARG A 483 -6.04 5.12 18.62
C ARG A 483 -6.80 4.18 19.54
N LEU A 484 -6.98 2.94 19.08
CA LEU A 484 -7.63 1.90 19.85
C LEU A 484 -6.70 0.74 20.15
N ASP A 485 -5.64 0.58 19.33
CA ASP A 485 -4.70 -0.53 19.41
C ASP A 485 -3.92 -0.66 20.72
N ASN A 486 -3.81 0.44 21.47
CA ASN A 486 -3.11 0.48 22.76
C ASN A 486 -4.07 0.33 23.96
N LYS A 487 -5.38 0.22 23.70
CA LYS A 487 -6.41 0.04 24.72
C LYS A 487 -6.48 -1.44 25.17
N PRO A 488 -6.68 -1.75 26.47
CA PRO A 488 -6.74 -3.15 26.90
C PRO A 488 -7.82 -4.04 26.26
N GLY A 489 -8.95 -3.43 25.88
CA GLY A 489 -10.08 -4.14 25.26
C GLY A 489 -9.99 -4.42 23.77
N TYR A 490 -8.90 -4.03 23.14
CA TYR A 490 -8.60 -4.18 21.71
C TYR A 490 -8.27 -5.61 21.31
N VAL A 491 -8.86 -6.07 20.20
CA VAL A 491 -8.58 -7.40 19.66
C VAL A 491 -8.47 -7.27 18.15
N ASN A 492 -7.33 -7.68 17.59
CA ASN A 492 -7.12 -7.74 16.16
C ASN A 492 -7.51 -9.20 15.77
N THR A 493 -8.63 -9.37 15.05
CA THR A 493 -9.13 -10.71 14.65
C THR A 493 -8.29 -11.42 13.58
N GLY A 494 -7.57 -10.65 12.77
CA GLY A 494 -6.80 -11.19 11.65
C GLY A 494 -7.62 -11.38 10.39
N PHE A 495 -8.97 -11.27 10.47
CA PHE A 495 -9.85 -11.48 9.31
C PHE A 495 -9.79 -10.36 8.29
N CYS A 496 -9.59 -10.70 7.00
CA CYS A 496 -9.54 -9.74 5.91
CA CYS A 496 -9.53 -9.66 5.99
C CYS A 496 -10.91 -9.11 5.69
N ASP A 497 -10.96 -7.81 5.41
CA ASP A 497 -12.18 -7.03 5.13
C ASP A 497 -13.05 -7.63 4.01
N ALA A 498 -12.44 -7.99 2.85
CA ALA A 498 -13.17 -8.53 1.70
C ALA A 498 -13.77 -9.93 2.00
N GLU A 499 -13.03 -10.79 2.74
CA GLU A 499 -13.52 -12.12 3.14
C GLU A 499 -14.73 -11.98 4.07
N VAL A 500 -14.66 -11.07 5.05
CA VAL A 500 -15.76 -10.83 6.03
C VAL A 500 -17.04 -10.37 5.29
N LEU A 501 -16.87 -9.39 4.38
CA LEU A 501 -17.96 -8.87 3.56
C LEU A 501 -18.53 -9.99 2.69
N LYS A 502 -17.67 -10.77 2.01
CA LYS A 502 -18.12 -11.86 1.13
C LYS A 502 -18.99 -12.89 1.88
N ALA A 503 -18.45 -13.43 2.99
CA ALA A 503 -19.12 -14.46 3.80
C ALA A 503 -20.44 -13.94 4.38
N TYR A 504 -20.48 -12.68 4.80
CA TYR A 504 -21.71 -12.10 5.33
C TYR A 504 -22.75 -11.99 4.23
N ILE A 505 -22.37 -11.55 3.01
CA ILE A 505 -23.29 -11.45 1.88
C ILE A 505 -23.86 -12.85 1.59
N GLN A 506 -22.96 -13.86 1.53
CA GLN A 506 -23.31 -15.24 1.27
C GLN A 506 -24.41 -15.76 2.22
N LYS A 507 -24.22 -15.59 3.53
CA LYS A 507 -25.20 -16.09 4.51
C LYS A 507 -26.43 -15.20 4.69
N SER A 508 -26.41 -13.96 4.15
CA SER A 508 -27.54 -12.99 4.29
C SER A 508 -28.33 -12.82 2.97
N SER A 509 -27.83 -13.43 1.90
CA SER A 509 -28.40 -13.35 0.57
C SER A 509 -29.78 -14.05 0.46
N PRO A 510 -30.75 -13.46 -0.29
CA PRO A 510 -30.65 -12.18 -1.02
C PRO A 510 -30.77 -11.00 -0.10
N LEU A 511 -29.91 -10.00 -0.33
CA LEU A 511 -29.92 -8.79 0.49
C LEU A 511 -31.12 -7.97 0.21
N ASP A 512 -31.73 -7.43 1.26
CA ASP A 512 -32.83 -6.49 1.10
C ASP A 512 -32.20 -5.14 1.46
N VAL A 513 -31.89 -4.31 0.45
CA VAL A 513 -31.24 -3.00 0.67
C VAL A 513 -31.97 -2.05 1.62
N SER A 514 -33.29 -2.26 1.84
CA SER A 514 -34.09 -1.42 2.73
C SER A 514 -33.61 -1.48 4.17
N VAL A 515 -33.07 -2.65 4.57
CA VAL A 515 -32.51 -2.97 5.89
C VAL A 515 -31.21 -2.17 6.16
N TYR A 516 -30.51 -1.78 5.09
CA TYR A 516 -29.25 -1.03 5.17
C TYR A 516 -29.42 0.43 4.85
N GLU A 517 -30.67 0.87 4.63
CA GLU A 517 -30.96 2.26 4.28
C GLU A 517 -30.81 3.24 5.47
N PRO A 518 -29.84 4.19 5.39
CA PRO A 518 -29.67 5.17 6.48
C PRO A 518 -30.89 6.10 6.53
N LYS A 519 -31.35 6.43 7.77
CA LYS A 519 -32.54 7.28 7.97
C LYS A 519 -32.26 8.52 8.83
N GLY A 520 -31.12 9.17 8.62
CA GLY A 520 -30.74 10.38 9.36
C GLY A 520 -30.44 10.18 10.83
N GLU A 521 -30.10 8.94 11.25
CA GLU A 521 -29.75 8.60 12.64
C GLU A 521 -28.61 9.48 13.15
N VAL A 522 -27.64 9.78 12.27
CA VAL A 522 -26.52 10.68 12.56
C VAL A 522 -26.67 11.91 11.66
N SER A 523 -26.60 13.10 12.27
CA SER A 523 -26.69 14.39 11.58
C SER A 523 -25.78 15.40 12.26
N TRP A 524 -25.42 16.46 11.52
CA TRP A 524 -24.57 17.54 11.97
C TRP A 524 -25.33 18.85 11.84
N GLN A 525 -25.14 19.76 12.82
CA GLN A 525 -25.74 21.11 13.01
C GLN A 525 -27.17 21.05 13.56
O1 MTN B . -5.52 -11.98 -1.81
N1 MTN B . -6.37 -12.01 -0.70
C1 MTN B . -5.97 -12.49 0.62
C2 MTN B . -7.28 -12.46 1.37
C3 MTN B . -8.26 -11.97 0.61
C4 MTN B . -9.70 -11.88 1.09
S1 MTN B . -9.76 -10.74 2.45
C5 MTN B . -7.76 -11.56 -0.77
C6 MTN B . -8.54 -12.30 -1.87
C7 MTN B . -7.81 -10.03 -0.93
C8 MTN B . -5.00 -11.53 1.30
C9 MTN B . -5.44 -13.90 0.65
ZN ZN C . 2.81 -0.91 2.68
ZN ZN D . 1.29 -0.33 0.08
S SO4 E . 27.34 -4.52 -16.65
O1 SO4 E . 27.34 -3.08 -16.47
O2 SO4 E . 27.49 -4.80 -18.08
O3 SO4 E . 28.45 -5.15 -15.91
O4 SO4 E . 26.06 -5.06 -16.18
S SO4 F . 23.43 -10.07 -11.63
S SO4 F . 26.12 -10.12 -10.08
O1 SO4 F . 22.36 -9.12 -11.85
O1 SO4 F . 24.76 -10.56 -9.71
O2 SO4 F . 24.68 -9.36 -11.35
O2 SO4 F . 26.01 -8.86 -10.80
O3 SO4 F . 23.56 -10.89 -12.82
O3 SO4 F . 26.77 -11.13 -10.90
O4 SO4 F . 23.13 -10.93 -10.48
O4 SO4 F . 26.91 -9.94 -8.87
S SO4 G . 9.49 -17.30 -15.35
O1 SO4 G . 9.72 -15.91 -15.77
O2 SO4 G . 8.05 -17.59 -15.38
O3 SO4 G . 10.01 -17.52 -14.00
O4 SO4 G . 10.19 -18.22 -16.27
S SO4 H . 8.58 -22.84 -13.27
O1 SO4 H . 7.16 -23.14 -13.44
O2 SO4 H . 9.07 -22.12 -14.46
O3 SO4 H . 9.31 -24.08 -13.11
O4 SO4 H . 8.76 -22.00 -12.08
S SO4 I . -8.17 -5.45 -22.00
O1 SO4 I . -7.35 -4.28 -22.23
O2 SO4 I . -9.47 -5.28 -22.68
O3 SO4 I . -7.52 -6.65 -22.53
O4 SO4 I . -8.39 -5.63 -20.56
S SO4 J . -18.81 -6.69 -13.26
O1 SO4 J . -18.87 -5.23 -13.34
O2 SO4 J . -18.87 -7.26 -14.60
O3 SO4 J . -17.55 -7.08 -12.63
O4 SO4 J . -19.95 -7.18 -12.47
S SO4 K . -28.03 14.35 25.86
O1 SO4 K . -29.31 14.88 25.37
O2 SO4 K . -26.96 14.75 24.96
O3 SO4 K . -27.76 14.88 27.20
O4 SO4 K . -28.09 12.89 25.92
S SO4 L . 22.64 10.24 -19.46
O1 SO4 L . 22.04 11.04 -18.39
O2 SO4 L . 23.12 11.10 -20.54
O3 SO4 L . 23.76 9.48 -18.92
O4 SO4 L . 21.63 9.32 -20.00
S SO4 M . -7.83 8.32 -2.31
O1 SO4 M . -8.12 7.57 -3.52
O2 SO4 M . -8.54 9.59 -2.34
O3 SO4 M . -6.38 8.55 -2.27
O4 SO4 M . -8.24 7.59 -1.11
C CO3 N . -0.56 0.10 3.26
O1 CO3 N . -0.68 1.36 3.02
O2 CO3 N . -1.32 -0.49 4.14
O3 CO3 N . 0.34 -0.58 2.63
C CO3 O . -8.99 13.90 1.90
O1 CO3 O . -9.69 14.47 0.97
O2 CO3 O . -9.00 12.62 2.04
O3 CO3 O . -8.28 14.63 2.69
C1 GOL P . 16.98 -11.96 -12.09
O1 GOL P . 18.35 -11.77 -12.42
C2 GOL P . 16.11 -11.27 -13.10
O2 GOL P . 14.88 -10.85 -12.51
C3 GOL P . 15.85 -12.11 -14.34
O3 GOL P . 14.74 -12.97 -14.16
#